data_4NPM
#
_entry.id   4NPM
#
_cell.length_a   66.067
_cell.length_b   69.792
_cell.length_c   115.050
_cell.angle_alpha   90.00
_cell.angle_beta   90.00
_cell.angle_gamma   90.00
#
_symmetry.space_group_name_H-M   'P 21 21 21'
#
loop_
_entity.id
_entity.type
_entity.pdbx_description
1 polymer 'RNA demethylase ALKBH5'
2 non-polymer 'MANGANESE (II) ION'
3 non-polymer 'SUCCINIC ACID'
4 water water
#
_entity_poly.entity_id   1
_entity_poly.type   'polypeptide(L)'
_entity_poly.pdbx_seq_one_letter_code
;DESEYEERRDAEARRVKSGIKQASIFTLEECARIEAKIDEVVAKADKGLYREHTVDRAPLRNKYFFGEGYTYGAQLEKRG
PGQERLYSKGEVDDIPDWVHELVIDRLVTHGVIPEGFVNSAVINDYQPGGCIVSHVDPIHIFERPIVSVSFFSDSALCFG
CKFLFKPIRVSEPVLHLPVRRGSVTVLSGYAADDITHCIRPQDIKERRAVIILRKTRADAPRLDSNSLSPSIVSPKRRHI
LKAKRSHRKA
;
_entity_poly.pdbx_strand_id   A,B
#
loop_
_chem_comp.id
_chem_comp.type
_chem_comp.name
_chem_comp.formula
MN non-polymer 'MANGANESE (II) ION' 'Mn 2'
SIN non-polymer 'SUCCINIC ACID' 'C4 H6 O4'
#
# COMPACT_ATOMS: atom_id res chain seq x y z
N GLU A 4 23.20 9.87 2.72
CA GLU A 4 21.95 9.35 2.23
C GLU A 4 21.53 10.11 1.00
N TYR A 5 20.27 10.55 0.96
CA TYR A 5 19.54 10.95 -0.25
C TYR A 5 19.30 9.75 -1.09
N GLU A 6 20.35 9.09 -1.54
CA GLU A 6 20.13 7.88 -2.29
C GLU A 6 19.29 6.87 -1.55
N GLU A 7 19.50 6.78 -0.26
CA GLU A 7 18.76 5.80 0.54
C GLU A 7 17.35 6.25 0.88
N ARG A 8 17.20 7.53 1.23
CA ARG A 8 15.88 8.08 1.58
C ARG A 8 14.98 8.16 0.37
N ARG A 9 15.58 8.34 -0.77
CA ARG A 9 14.87 8.33 -2.00
C ARG A 9 14.51 6.89 -2.44
N ASP A 10 15.44 5.97 -2.33
CA ASP A 10 15.16 4.57 -2.65
C ASP A 10 14.10 4.03 -1.69
N ALA A 11 14.14 4.49 -0.45
CA ALA A 11 13.15 4.11 0.54
C ALA A 11 11.77 4.55 0.11
N GLU A 12 11.63 5.80 -0.33
CA GLU A 12 10.32 6.23 -0.76
C GLU A 12 9.92 5.61 -2.10
N ALA A 13 10.89 5.39 -2.96
CA ALA A 13 10.59 4.72 -4.23
C ALA A 13 10.00 3.34 -3.95
N ARG A 14 10.53 2.66 -2.94
CA ARG A 14 9.99 1.34 -2.58
C ARG A 14 8.55 1.42 -2.08
N ARG A 15 8.23 2.46 -1.32
CA ARG A 15 6.86 2.67 -0.90
C ARG A 15 5.94 2.85 -2.11
N VAL A 16 6.38 3.63 -3.09
CA VAL A 16 5.54 3.89 -4.27
C VAL A 16 5.36 2.58 -5.01
N LYS A 17 6.46 1.85 -5.17
CA LYS A 17 6.41 0.57 -5.88
C LYS A 17 5.44 -0.41 -5.23
N SER A 18 5.27 -0.32 -3.91
CA SER A 18 4.39 -1.26 -3.21
C SER A 18 2.94 -1.06 -3.61
N GLY A 19 2.63 0.11 -4.18
CA GLY A 19 1.27 0.40 -4.60
C GLY A 19 1.11 0.34 -6.11
N ILE A 20 2.07 -0.26 -6.81
CA ILE A 20 2.02 -0.33 -8.27
C ILE A 20 2.04 -1.78 -8.75
N LYS A 21 1.04 -2.12 -9.55
CA LYS A 21 1.04 -3.40 -10.26
C LYS A 21 0.90 -3.12 -11.75
N GLN A 22 1.69 -3.80 -12.57
CA GLN A 22 1.58 -3.61 -14.01
C GLN A 22 1.32 -4.91 -14.74
N ALA A 23 0.63 -4.80 -15.86
CA ALA A 23 0.30 -5.96 -16.68
C ALA A 23 0.36 -5.57 -18.13
N SER A 24 0.34 -6.56 -19.02
CA SER A 24 0.20 -6.28 -20.44
C SER A 24 -1.18 -6.74 -20.92
N ILE A 25 -1.33 -8.05 -21.11
CA ILE A 25 -2.59 -8.69 -21.50
C ILE A 25 -2.99 -8.40 -22.95
N PHE A 26 -3.18 -7.14 -23.28
CA PHE A 26 -3.50 -6.75 -24.65
C PHE A 26 -2.32 -6.99 -25.61
N THR A 27 -2.56 -7.66 -26.72
CA THR A 27 -1.56 -7.74 -27.79
C THR A 27 -1.50 -6.39 -28.51
N LEU A 28 -0.46 -6.18 -29.32
CA LEU A 28 -0.36 -4.91 -30.03
C LEU A 28 -1.48 -4.82 -31.06
N GLU A 29 -1.82 -5.96 -31.65
CA GLU A 29 -2.96 -6.04 -32.56
C GLU A 29 -4.24 -5.57 -31.85
N GLU A 30 -4.46 -6.09 -30.65
CA GLU A 30 -5.61 -5.67 -29.85
C GLU A 30 -5.55 -4.18 -29.50
N CYS A 31 -4.34 -3.67 -29.26
CA CYS A 31 -4.15 -2.23 -29.04
C CYS A 31 -4.55 -1.39 -30.25
N ALA A 32 -4.14 -1.81 -31.44
CA ALA A 32 -4.49 -1.06 -32.66
C ALA A 32 -6.02 -0.94 -32.83
N ARG A 33 -6.73 -1.99 -32.42
N ARG A 33 -6.75 -1.98 -32.43
CA ARG A 33 -8.19 -1.99 -32.51
CA ARG A 33 -8.21 -1.93 -32.55
C ARG A 33 -8.79 -0.96 -31.57
C ARG A 33 -8.80 -0.92 -31.57
N ILE A 34 -8.25 -0.90 -30.36
CA ILE A 34 -8.73 0.03 -29.35
C ILE A 34 -8.36 1.44 -29.77
N GLU A 35 -7.15 1.60 -30.30
CA GLU A 35 -6.67 2.90 -30.79
C GLU A 35 -7.58 3.44 -31.88
N ALA A 36 -8.10 2.56 -32.72
CA ALA A 36 -9.04 2.99 -33.76
C ALA A 36 -10.32 3.53 -33.12
N LYS A 37 -10.78 2.89 -32.06
CA LYS A 37 -11.99 3.36 -31.38
C LYS A 37 -11.72 4.69 -30.68
N ILE A 38 -10.51 4.85 -30.13
CA ILE A 38 -10.17 6.13 -29.53
C ILE A 38 -10.23 7.24 -30.57
N ASP A 39 -9.69 6.98 -31.75
CA ASP A 39 -9.79 7.92 -32.87
C ASP A 39 -11.25 8.24 -33.23
N GLU A 40 -12.14 7.25 -33.14
CA GLU A 40 -13.56 7.52 -33.40
C GLU A 40 -14.17 8.45 -32.35
N VAL A 41 -13.72 8.30 -31.09
CA VAL A 41 -14.17 9.20 -30.03
C VAL A 41 -13.71 10.62 -30.34
N VAL A 42 -12.43 10.76 -30.70
CA VAL A 42 -11.89 12.07 -31.06
C VAL A 42 -12.68 12.71 -32.21
N ALA A 43 -12.99 11.91 -33.23
CA ALA A 43 -13.69 12.44 -34.40
C ALA A 43 -15.11 12.86 -34.03
N LYS A 44 -15.75 12.05 -33.18
CA LYS A 44 -17.11 12.32 -32.75
C LYS A 44 -17.19 13.60 -31.93
N ALA A 45 -16.23 13.77 -31.02
CA ALA A 45 -16.15 14.98 -30.21
C ALA A 45 -15.91 16.23 -31.07
N ASP A 46 -15.03 16.12 -32.06
CA ASP A 46 -14.73 17.22 -32.98
C ASP A 46 -15.97 17.67 -33.75
N LYS A 47 -16.89 16.74 -33.99
CA LYS A 47 -18.12 17.07 -34.71
C LYS A 47 -19.20 17.64 -33.80
N GLY A 48 -18.88 17.76 -32.51
CA GLY A 48 -19.82 18.31 -31.53
C GLY A 48 -21.00 17.42 -31.21
N LEU A 49 -20.78 16.11 -31.26
CA LEU A 49 -21.84 15.14 -31.09
C LEU A 49 -22.01 14.62 -29.65
N TYR A 50 -21.15 15.07 -28.75
CA TYR A 50 -21.23 14.65 -27.36
C TYR A 50 -21.89 15.72 -26.48
N ARG A 51 -22.31 15.33 -25.28
CA ARG A 51 -22.73 16.30 -24.27
C ARG A 51 -21.56 17.23 -23.94
N GLU A 52 -21.84 18.49 -23.61
CA GLU A 52 -20.79 19.48 -23.35
C GLU A 52 -19.70 19.02 -22.39
N HIS A 53 -20.09 18.52 -21.22
CA HIS A 53 -19.13 18.21 -20.15
C HIS A 53 -18.32 16.96 -20.40
N THR A 54 -18.65 16.21 -21.46
CA THR A 54 -17.86 15.04 -21.81
C THR A 54 -16.48 15.44 -22.31
N VAL A 55 -16.39 16.59 -22.96
CA VAL A 55 -15.16 16.98 -23.63
C VAL A 55 -14.47 18.18 -22.99
N ASP A 56 -13.22 17.98 -22.56
CA ASP A 56 -12.44 19.06 -21.96
C ASP A 56 -11.18 19.26 -22.79
N ARG A 57 -11.09 20.40 -23.46
CA ARG A 57 -9.96 20.67 -24.34
C ARG A 57 -8.95 21.62 -23.71
N ALA A 58 -7.68 21.27 -23.81
CA ALA A 58 -6.59 22.08 -23.30
C ALA A 58 -5.43 22.08 -24.29
N PRO A 59 -4.51 23.04 -24.17
CA PRO A 59 -3.30 23.02 -25.00
C PRO A 59 -2.60 21.66 -24.93
N LEU A 60 -2.52 20.98 -26.07
CA LEU A 60 -1.80 19.73 -26.22
C LEU A 60 -2.42 18.54 -25.48
N ARG A 61 -3.62 18.73 -24.93
CA ARG A 61 -4.28 17.65 -24.18
C ARG A 61 -5.79 17.80 -24.16
N ASN A 62 -6.48 16.77 -24.60
CA ASN A 62 -7.93 16.69 -24.44
C ASN A 62 -8.26 15.56 -23.50
N LYS A 63 -9.33 15.74 -22.72
CA LYS A 63 -9.86 14.70 -21.84
C LYS A 63 -11.29 14.40 -22.25
N TYR A 64 -11.66 13.12 -22.28
CA TYR A 64 -13.02 12.73 -22.61
C TYR A 64 -13.59 11.96 -21.43
N PHE A 65 -14.66 12.49 -20.83
CA PHE A 65 -15.21 11.92 -19.60
C PHE A 65 -16.46 11.08 -19.87
N PHE A 66 -16.43 9.81 -19.48
CA PHE A 66 -17.59 8.93 -19.66
C PHE A 66 -18.00 8.33 -18.34
N GLY A 67 -19.31 8.17 -18.13
CA GLY A 67 -19.82 7.56 -16.91
C GLY A 67 -20.00 8.57 -15.80
N GLU A 68 -18.89 9.17 -15.39
CA GLU A 68 -18.89 10.27 -14.43
C GLU A 68 -17.82 11.25 -14.83
N GLY A 69 -18.09 12.54 -14.66
CA GLY A 69 -17.06 13.55 -14.83
C GLY A 69 -16.97 14.37 -13.54
N TYR A 70 -15.92 15.15 -13.38
CA TYR A 70 -15.82 15.99 -12.19
C TYR A 70 -15.21 17.36 -12.48
N THR A 71 -15.45 18.30 -11.58
CA THR A 71 -14.87 19.63 -11.66
C THR A 71 -14.49 20.15 -10.28
N GLN A 83 -11.98 20.02 -3.22
CA GLN A 83 -13.05 20.85 -3.75
C GLN A 83 -13.70 20.23 -4.98
N GLU A 84 -13.08 19.17 -5.51
CA GLU A 84 -13.65 18.49 -6.68
C GLU A 84 -15.06 18.00 -6.39
N ARG A 85 -15.92 18.08 -7.39
CA ARG A 85 -17.31 17.61 -7.29
C ARG A 85 -17.66 16.86 -8.56
N LEU A 86 -18.45 15.79 -8.43
CA LEU A 86 -18.99 15.11 -9.62
C LEU A 86 -20.05 16.00 -10.25
N TYR A 87 -20.16 15.97 -11.58
CA TYR A 87 -21.28 16.61 -12.26
C TYR A 87 -22.58 15.90 -11.91
N SER A 88 -23.68 16.57 -12.07
CA SER A 88 -24.96 15.95 -11.91
C SER A 88 -25.15 14.81 -12.88
N LYS A 89 -26.01 13.89 -12.54
CA LYS A 89 -26.15 12.72 -13.40
C LYS A 89 -26.71 13.15 -14.75
N GLY A 90 -26.18 12.56 -15.82
CA GLY A 90 -26.70 12.85 -17.16
C GLY A 90 -25.97 13.97 -17.86
N GLU A 91 -24.96 14.54 -17.21
CA GLU A 91 -24.18 15.63 -17.79
C GLU A 91 -23.09 15.14 -18.74
N VAL A 92 -22.49 14.00 -18.43
CA VAL A 92 -21.51 13.42 -19.35
C VAL A 92 -22.09 12.19 -20.02
N ASP A 93 -21.45 11.77 -21.11
CA ASP A 93 -21.90 10.62 -21.87
C ASP A 93 -21.65 9.28 -21.18
N ASP A 94 -22.40 8.27 -21.58
CA ASP A 94 -22.21 6.93 -21.02
C ASP A 94 -20.90 6.33 -21.53
N ILE A 95 -20.34 5.41 -20.75
CA ILE A 95 -19.18 4.66 -21.20
C ILE A 95 -19.57 3.91 -22.47
N PRO A 96 -18.81 4.11 -23.58
CA PRO A 96 -19.14 3.44 -24.84
C PRO A 96 -19.08 1.92 -24.71
N ASP A 97 -19.91 1.22 -25.48
CA ASP A 97 -19.92 -0.24 -25.41
C ASP A 97 -18.54 -0.83 -25.67
N TRP A 98 -17.78 -0.22 -26.58
CA TRP A 98 -16.45 -0.75 -26.88
C TRP A 98 -15.49 -0.71 -25.68
N VAL A 99 -15.64 0.29 -24.82
CA VAL A 99 -14.79 0.35 -23.63
C VAL A 99 -15.13 -0.83 -22.72
N HIS A 100 -16.42 -1.13 -22.57
CA HIS A 100 -16.82 -2.30 -21.80
C HIS A 100 -16.29 -3.59 -22.46
N GLU A 101 -16.57 -3.75 -23.75
CA GLU A 101 -16.25 -4.99 -24.45
C GLU A 101 -14.77 -5.26 -24.70
N LEU A 102 -14.01 -4.23 -25.08
CA LEU A 102 -12.61 -4.43 -25.44
C LEU A 102 -11.65 -4.21 -24.28
N VAL A 103 -12.06 -3.41 -23.31
CA VAL A 103 -11.12 -3.04 -22.24
C VAL A 103 -11.56 -3.54 -20.87
N ILE A 104 -12.67 -3.03 -20.35
CA ILE A 104 -13.09 -3.39 -18.99
C ILE A 104 -13.33 -4.89 -18.82
N ASP A 105 -14.06 -5.49 -19.75
CA ASP A 105 -14.35 -6.92 -19.67
C ASP A 105 -13.09 -7.77 -19.67
N ARG A 106 -12.06 -7.36 -20.43
CA ARG A 106 -10.79 -8.11 -20.46
C ARG A 106 -10.14 -8.05 -19.09
N LEU A 107 -10.13 -6.86 -18.48
CA LEU A 107 -9.51 -6.70 -17.18
C LEU A 107 -10.27 -7.47 -16.11
N VAL A 108 -11.58 -7.56 -16.25
CA VAL A 108 -12.37 -8.35 -15.29
C VAL A 108 -12.05 -9.85 -15.45
N THR A 109 -12.04 -10.34 -16.68
CA THR A 109 -11.78 -11.76 -16.91
C THR A 109 -10.40 -12.14 -16.39
N HIS A 110 -9.47 -11.19 -16.42
CA HIS A 110 -8.11 -11.44 -15.95
C HIS A 110 -7.88 -11.13 -14.48
N GLY A 111 -8.95 -10.77 -13.77
CA GLY A 111 -8.87 -10.60 -12.33
C GLY A 111 -8.20 -9.31 -11.88
N VAL A 112 -8.02 -8.37 -12.79
CA VAL A 112 -7.38 -7.09 -12.44
C VAL A 112 -8.32 -6.22 -11.58
N ILE A 113 -9.60 -6.27 -11.89
CA ILE A 113 -10.63 -5.58 -11.13
C ILE A 113 -11.89 -6.44 -11.10
N PRO A 114 -12.74 -6.25 -10.08
CA PRO A 114 -14.00 -6.99 -9.98
C PRO A 114 -15.01 -6.57 -11.03
N GLU A 115 -15.91 -7.46 -11.36
CA GLU A 115 -17.00 -7.16 -12.22
C GLU A 115 -17.84 -6.07 -11.53
N GLY A 116 -18.33 -5.09 -12.27
CA GLY A 116 -19.19 -4.07 -11.70
C GLY A 116 -18.45 -2.94 -11.00
N PHE A 117 -17.12 -3.01 -10.96
CA PHE A 117 -16.32 -2.00 -10.27
C PHE A 117 -16.29 -0.67 -11.02
N VAL A 118 -15.87 -0.70 -12.28
CA VAL A 118 -15.67 0.54 -13.04
C VAL A 118 -17.00 1.20 -13.39
N ASN A 119 -17.15 2.46 -12.99
CA ASN A 119 -18.29 3.24 -13.45
C ASN A 119 -17.86 4.58 -14.08
N SER A 120 -16.56 4.77 -14.21
CA SER A 120 -16.03 5.99 -14.81
C SER A 120 -14.88 5.63 -15.74
N ALA A 121 -14.90 6.14 -16.97
CA ALA A 121 -13.78 5.94 -17.89
C ALA A 121 -13.42 7.27 -18.50
N VAL A 122 -12.16 7.68 -18.33
CA VAL A 122 -11.70 8.92 -18.89
C VAL A 122 -10.58 8.65 -19.90
N ILE A 123 -10.70 9.25 -21.08
CA ILE A 123 -9.63 9.14 -22.06
C ILE A 123 -8.86 10.44 -22.09
N ASN A 124 -7.56 10.37 -21.79
CA ASN A 124 -6.67 11.51 -21.96
C ASN A 124 -5.91 11.32 -23.26
N ASP A 125 -5.90 12.33 -24.12
CA ASP A 125 -5.23 12.24 -25.41
C ASP A 125 -4.20 13.36 -25.50
N TYR A 126 -2.93 12.99 -25.50
CA TYR A 126 -1.83 13.96 -25.48
C TYR A 126 -1.14 14.13 -26.83
N GLN A 127 -0.91 15.38 -27.22
CA GLN A 127 -0.02 15.69 -28.36
C GLN A 127 1.39 15.78 -27.79
N PRO A 128 2.42 15.72 -28.66
CA PRO A 128 3.80 15.85 -28.17
C PRO A 128 4.00 17.11 -27.35
N GLY A 129 4.64 17.00 -26.18
CA GLY A 129 4.85 18.12 -25.30
C GLY A 129 3.71 18.34 -24.32
N GLY A 130 2.62 17.58 -24.49
CA GLY A 130 1.51 17.66 -23.57
C GLY A 130 1.92 17.09 -22.23
N CYS A 131 1.16 17.41 -21.18
CA CYS A 131 1.52 16.89 -19.87
C CYS A 131 0.31 16.91 -18.96
N ILE A 132 0.50 16.38 -17.75
CA ILE A 132 -0.46 16.62 -16.68
C ILE A 132 0.31 16.89 -15.39
N VAL A 133 -0.04 17.99 -14.75
N VAL A 133 -0.01 18.00 -14.75
CA VAL A 133 0.62 18.46 -13.52
CA VAL A 133 0.72 18.40 -13.55
C VAL A 133 0.41 17.49 -12.35
C VAL A 133 0.44 17.45 -12.39
N SER A 134 1.40 17.38 -11.47
CA SER A 134 1.34 16.51 -10.30
C SER A 134 0.04 16.65 -9.53
N HIS A 135 -0.55 15.52 -9.18
CA HIS A 135 -1.85 15.50 -8.52
C HIS A 135 -2.05 14.15 -7.85
N VAL A 136 -3.03 14.09 -6.95
CA VAL A 136 -3.53 12.84 -6.41
C VAL A 136 -4.95 12.73 -6.93
N ASP A 137 -5.32 11.59 -7.50
CA ASP A 137 -6.70 11.41 -7.97
C ASP A 137 -7.62 11.61 -6.76
N PRO A 138 -8.63 12.50 -6.89
CA PRO A 138 -9.36 12.97 -5.69
C PRO A 138 -9.85 11.83 -4.80
N ILE A 139 -9.39 11.81 -3.56
CA ILE A 139 -9.66 10.67 -2.68
C ILE A 139 -11.09 10.70 -2.14
N HIS A 140 -11.73 11.85 -2.24
CA HIS A 140 -13.13 11.94 -1.82
C HIS A 140 -14.09 11.61 -2.96
N ILE A 141 -13.54 11.41 -4.16
CA ILE A 141 -14.35 11.14 -5.35
C ILE A 141 -14.19 9.69 -5.77
N PHE A 142 -12.94 9.22 -5.80
CA PHE A 142 -12.65 7.91 -6.37
C PHE A 142 -12.20 6.88 -5.37
N GLU A 143 -12.78 5.68 -5.45
CA GLU A 143 -12.22 4.52 -4.76
C GLU A 143 -10.90 4.13 -5.41
N ARG A 144 -10.19 3.22 -4.77
CA ARG A 144 -8.99 2.65 -5.32
C ARG A 144 -9.29 1.18 -5.55
N PRO A 145 -8.54 0.51 -6.42
CA PRO A 145 -7.39 0.99 -7.20
C PRO A 145 -7.80 1.83 -8.40
N ILE A 146 -6.83 2.55 -8.92
CA ILE A 146 -7.02 3.33 -10.14
C ILE A 146 -6.31 2.58 -11.25
N VAL A 147 -7.03 2.27 -12.32
CA VAL A 147 -6.47 1.46 -13.40
C VAL A 147 -6.33 2.29 -14.64
N SER A 148 -5.17 2.21 -15.29
CA SER A 148 -5.03 2.91 -16.56
C SER A 148 -4.44 2.00 -17.61
N VAL A 149 -4.85 2.20 -18.86
CA VAL A 149 -4.28 1.44 -19.98
C VAL A 149 -3.77 2.43 -21.02
N SER A 150 -2.53 2.26 -21.47
CA SER A 150 -1.88 3.26 -22.32
C SER A 150 -1.86 2.83 -23.78
N PHE A 151 -1.94 3.81 -24.68
CA PHE A 151 -2.05 3.54 -26.11
C PHE A 151 -1.23 4.48 -26.98
N PHE A 152 -1.04 4.07 -28.23
CA PHE A 152 -0.36 4.82 -29.29
C PHE A 152 1.18 4.86 -29.22
N SER A 153 1.72 5.16 -28.04
CA SER A 153 3.17 5.24 -27.91
C SER A 153 3.59 4.98 -26.47
N ASP A 154 4.91 4.84 -26.27
CA ASP A 154 5.49 4.60 -24.95
C ASP A 154 5.74 5.92 -24.23
N SER A 155 5.66 5.90 -22.91
CA SER A 155 5.93 7.09 -22.12
C SER A 155 6.36 6.71 -20.72
N ALA A 156 6.10 7.59 -19.78
CA ALA A 156 6.45 7.31 -18.40
C ALA A 156 5.53 8.07 -17.46
N LEU A 157 5.25 7.46 -16.32
CA LEU A 157 4.49 8.09 -15.26
C LEU A 157 5.47 8.41 -14.14
N CYS A 158 5.50 9.68 -13.70
CA CYS A 158 6.43 10.06 -12.64
C CYS A 158 5.68 10.34 -11.36
N PHE A 159 6.33 10.08 -10.23
CA PHE A 159 5.72 10.25 -8.92
C PHE A 159 6.55 11.22 -8.06
N GLY A 160 5.89 12.17 -7.43
CA GLY A 160 6.53 13.06 -6.48
C GLY A 160 7.20 14.31 -7.04
N CYS A 161 7.00 14.55 -8.33
CA CYS A 161 7.57 15.72 -9.00
C CYS A 161 6.87 16.98 -8.52
N LYS A 162 7.64 18.06 -8.42
CA LYS A 162 7.07 19.37 -8.17
C LYS A 162 7.18 20.22 -9.44
N PHE A 163 6.08 20.81 -9.85
CA PHE A 163 6.08 21.71 -11.01
C PHE A 163 6.36 23.13 -10.55
N LEU A 164 7.59 23.59 -10.80
CA LEU A 164 8.07 24.86 -10.25
C LEU A 164 8.01 26.01 -11.24
N PHE A 165 8.20 27.22 -10.73
CA PHE A 165 8.14 28.42 -11.56
C PHE A 165 9.31 29.35 -11.28
N LYS A 166 9.55 30.26 -12.21
CA LYS A 166 10.62 31.25 -12.10
C LYS A 166 11.98 30.62 -11.81
N PRO A 167 12.52 29.84 -12.76
CA PRO A 167 11.95 29.49 -14.07
C PRO A 167 11.14 28.19 -14.05
N ILE A 168 10.34 27.98 -15.10
CA ILE A 168 9.55 26.76 -15.25
C ILE A 168 10.44 25.53 -15.28
N ARG A 169 10.16 24.58 -14.40
CA ARG A 169 10.93 23.34 -14.34
C ARG A 169 10.15 22.29 -13.55
N VAL A 170 10.53 21.03 -13.73
CA VAL A 170 9.92 19.95 -12.98
C VAL A 170 11.02 19.32 -12.14
N SER A 171 10.77 19.16 -10.85
CA SER A 171 11.79 18.65 -9.96
C SER A 171 11.99 17.15 -10.15
N GLU A 172 13.03 16.60 -9.54
CA GLU A 172 13.40 15.20 -9.73
C GLU A 172 12.31 14.22 -9.26
N PRO A 173 11.99 13.21 -10.08
CA PRO A 173 10.98 12.24 -9.64
C PRO A 173 11.45 11.34 -8.49
N VAL A 174 10.54 10.97 -7.61
CA VAL A 174 10.82 9.98 -6.58
C VAL A 174 10.89 8.62 -7.26
N LEU A 175 10.04 8.43 -8.25
CA LEU A 175 10.02 7.26 -9.06
C LEU A 175 9.61 7.59 -10.48
N HIS A 176 10.33 7.05 -11.43
CA HIS A 176 10.03 7.18 -12.85
C HIS A 176 9.58 5.80 -13.32
N LEU A 177 8.31 5.68 -13.73
CA LEU A 177 7.76 4.38 -14.11
C LEU A 177 7.46 4.35 -15.61
N PRO A 178 8.23 3.56 -16.37
CA PRO A 178 7.95 3.41 -17.79
C PRO A 178 6.57 2.82 -18.03
N VAL A 179 5.79 3.46 -18.90
CA VAL A 179 4.51 2.90 -19.32
C VAL A 179 4.51 2.73 -20.84
N ARG A 180 4.64 1.50 -21.29
CA ARG A 180 4.71 1.26 -22.73
C ARG A 180 3.32 1.15 -23.32
N ARG A 181 3.23 1.34 -24.64
CA ARG A 181 1.98 1.13 -25.36
C ARG A 181 1.43 -0.23 -24.96
N GLY A 182 0.17 -0.26 -24.54
CA GLY A 182 -0.49 -1.49 -24.16
C GLY A 182 -0.37 -1.85 -22.68
N SER A 183 0.37 -1.06 -21.94
N SER A 183 0.35 -1.02 -21.94
CA SER A 183 0.59 -1.38 -20.53
CA SER A 183 0.54 -1.30 -20.52
C SER A 183 -0.64 -1.03 -19.67
C SER A 183 -0.69 -1.02 -19.66
N VAL A 184 -0.96 -1.94 -18.75
CA VAL A 184 -1.99 -1.73 -17.76
C VAL A 184 -1.28 -1.35 -16.47
N THR A 185 -1.67 -0.23 -15.88
CA THR A 185 -1.04 0.22 -14.64
C THR A 185 -2.10 0.34 -13.57
N VAL A 186 -1.87 -0.33 -12.44
CA VAL A 186 -2.83 -0.32 -11.34
C VAL A 186 -2.23 0.37 -10.11
N LEU A 187 -2.82 1.49 -9.69
CA LEU A 187 -2.29 2.23 -8.53
C LEU A 187 -3.17 2.01 -7.31
N SER A 188 -2.53 1.73 -6.17
CA SER A 188 -3.25 1.56 -4.93
C SER A 188 -2.35 2.03 -3.80
N GLY A 189 -2.89 2.06 -2.58
CA GLY A 189 -2.13 2.39 -1.40
C GLY A 189 -1.29 3.64 -1.52
N TYR A 190 -0.01 3.54 -1.16
CA TYR A 190 0.87 4.69 -1.14
C TYR A 190 0.94 5.39 -2.49
N ALA A 191 1.02 4.61 -3.57
CA ALA A 191 1.20 5.17 -4.90
C ALA A 191 -0.04 5.93 -5.34
N ALA A 192 -1.19 5.58 -4.78
CA ALA A 192 -2.43 6.24 -5.15
C ALA A 192 -2.84 7.35 -4.19
N ASP A 193 -2.37 7.27 -2.93
CA ASP A 193 -2.90 8.13 -1.87
C ASP A 193 -1.91 9.10 -1.25
N ASP A 194 -0.63 8.70 -1.19
CA ASP A 194 0.33 9.43 -0.35
C ASP A 194 1.40 10.20 -1.12
N ILE A 195 1.30 10.19 -2.44
CA ILE A 195 2.28 10.91 -3.29
C ILE A 195 1.57 11.24 -4.59
N THR A 196 2.01 12.32 -5.24
CA THR A 196 1.40 12.71 -6.51
C THR A 196 1.97 11.89 -7.66
N HIS A 197 1.22 11.86 -8.77
CA HIS A 197 1.77 11.38 -10.03
C HIS A 197 1.57 12.44 -11.10
N CYS A 198 2.38 12.36 -12.15
CA CYS A 198 2.28 13.31 -13.23
C CYS A 198 2.80 12.69 -14.53
N ILE A 199 2.57 13.38 -15.63
CA ILE A 199 3.23 13.09 -16.88
C ILE A 199 4.02 14.34 -17.24
N ARG A 200 5.33 14.21 -17.36
CA ARG A 200 6.18 15.35 -17.68
C ARG A 200 6.16 15.60 -19.19
N PRO A 201 6.26 16.87 -19.59
CA PRO A 201 6.22 17.21 -21.02
C PRO A 201 7.34 16.50 -21.78
N GLN A 202 8.49 16.36 -21.13
CA GLN A 202 9.65 15.74 -21.77
C GLN A 202 9.40 14.26 -22.08
N ASP A 203 8.39 13.67 -21.45
CA ASP A 203 8.11 12.25 -21.62
C ASP A 203 7.01 11.95 -22.65
N ILE A 204 6.47 12.99 -23.28
CA ILE A 204 5.52 12.77 -24.37
C ILE A 204 6.13 13.26 -25.69
N LYS A 205 6.82 12.36 -26.38
CA LYS A 205 7.49 12.73 -27.63
C LYS A 205 6.61 12.47 -28.85
N GLU A 206 5.64 11.58 -28.71
CA GLU A 206 4.69 11.30 -29.78
C GLU A 206 3.30 11.32 -29.17
N ARG A 207 2.27 11.33 -30.02
CA ARG A 207 0.90 11.25 -29.50
C ARG A 207 0.73 10.03 -28.62
N ARG A 208 0.08 10.24 -27.48
CA ARG A 208 -0.19 9.16 -26.53
C ARG A 208 -1.60 9.34 -25.98
N ALA A 209 -2.31 8.24 -25.77
CA ALA A 209 -3.63 8.29 -25.16
C ALA A 209 -3.66 7.26 -24.05
N VAL A 210 -4.50 7.52 -23.04
N VAL A 210 -4.51 7.50 -23.06
CA VAL A 210 -4.66 6.62 -21.90
CA VAL A 210 -4.63 6.58 -21.94
C VAL A 210 -6.12 6.51 -21.54
C VAL A 210 -6.09 6.51 -21.52
N ILE A 211 -6.54 5.32 -21.16
CA ILE A 211 -7.90 5.14 -20.68
C ILE A 211 -7.78 4.91 -19.20
N ILE A 212 -8.42 5.78 -18.41
CA ILE A 212 -8.36 5.65 -16.96
C ILE A 212 -9.70 5.13 -16.48
N LEU A 213 -9.67 4.03 -15.74
CA LEU A 213 -10.87 3.33 -15.32
C LEU A 213 -10.93 3.38 -13.80
N ARG A 214 -12.04 3.89 -13.26
CA ARG A 214 -12.15 4.12 -11.84
C ARG A 214 -13.56 3.84 -11.35
N LYS A 215 -13.68 3.59 -10.04
CA LYS A 215 -14.97 3.51 -9.38
C LYS A 215 -15.18 4.77 -8.53
N THR A 216 -16.32 5.44 -8.66
CA THR A 216 -16.58 6.58 -7.78
C THR A 216 -17.10 6.09 -6.43
N ARG A 217 -16.74 6.82 -5.37
CA ARG A 217 -17.21 6.48 -4.02
C ARG A 217 -18.72 6.68 -3.92
N ALA A 218 -19.38 5.83 -3.14
CA ALA A 218 -20.84 5.96 -2.96
C ALA A 218 -21.22 7.31 -2.37
N ASP A 219 -20.31 7.89 -1.59
CA ASP A 219 -20.56 9.17 -0.95
C ASP A 219 -19.80 10.32 -1.60
N ALA A 220 -19.43 10.16 -2.88
CA ALA A 220 -18.76 11.24 -3.59
C ALA A 220 -19.68 12.44 -3.71
N PRO A 221 -19.19 13.64 -3.38
CA PRO A 221 -20.02 14.84 -3.49
C PRO A 221 -20.34 15.16 -4.94
N ARG A 222 -21.59 15.54 -5.20
CA ARG A 222 -22.06 15.72 -6.56
C ARG A 222 -22.79 17.06 -6.67
N LEU A 223 -22.56 17.78 -7.76
CA LEU A 223 -23.27 19.03 -8.01
C LEU A 223 -24.77 18.77 -8.22
N ASP A 224 -25.59 19.73 -7.79
CA ASP A 224 -27.01 19.67 -8.06
C ASP A 224 -27.31 20.40 -9.37
N ARG B 9 -1.72 16.81 13.23
CA ARG B 9 -2.20 16.04 14.38
C ARG B 9 -3.30 15.05 14.00
N ASP B 10 -4.47 15.58 13.72
CA ASP B 10 -5.48 14.80 13.03
C ASP B 10 -4.97 14.56 11.61
N ALA B 11 -4.23 15.54 11.10
CA ALA B 11 -3.59 15.42 9.80
C ALA B 11 -2.49 14.36 9.83
N GLU B 12 -1.74 14.29 10.93
CA GLU B 12 -0.73 13.24 11.05
C GLU B 12 -1.41 11.87 11.16
N ALA B 13 -2.50 11.82 11.92
CA ALA B 13 -3.24 10.58 12.12
C ALA B 13 -3.73 10.03 10.80
N ARG B 14 -4.09 10.93 9.88
CA ARG B 14 -4.49 10.54 8.55
C ARG B 14 -3.32 9.86 7.83
N ARG B 15 -2.12 10.38 8.04
CA ARG B 15 -0.94 9.81 7.39
C ARG B 15 -0.61 8.44 7.99
N VAL B 16 -0.74 8.33 9.31
CA VAL B 16 -0.50 7.05 9.99
C VAL B 16 -1.49 5.99 9.49
N LYS B 17 -2.77 6.37 9.44
CA LYS B 17 -3.81 5.45 9.04
C LYS B 17 -3.61 4.90 7.62
N SER B 18 -3.05 5.72 6.73
CA SER B 18 -2.84 5.26 5.36
C SER B 18 -1.83 4.11 5.30
N GLY B 19 -0.97 4.02 6.29
CA GLY B 19 0.04 2.97 6.33
C GLY B 19 -0.34 1.79 7.20
N ILE B 20 -1.62 1.69 7.55
CA ILE B 20 -2.11 0.57 8.35
C ILE B 20 -3.14 -0.23 7.57
N LYS B 21 -2.90 -1.54 7.48
CA LYS B 21 -3.87 -2.45 6.90
C LYS B 21 -4.11 -3.59 7.89
N GLN B 22 -5.38 -3.98 8.08
CA GLN B 22 -5.71 -5.06 9.02
C GLN B 22 -6.53 -6.16 8.38
N ALA B 23 -6.33 -7.39 8.87
CA ALA B 23 -7.08 -8.55 8.41
C ALA B 23 -7.41 -9.41 9.61
N SER B 24 -8.27 -10.41 9.42
CA SER B 24 -8.52 -11.38 10.48
C SER B 24 -8.00 -12.76 10.04
N ILE B 25 -8.76 -13.44 9.19
CA ILE B 25 -8.37 -14.71 8.56
C ILE B 25 -8.40 -15.87 9.53
N PHE B 26 -7.60 -15.77 10.59
CA PHE B 26 -7.60 -16.80 11.62
C PHE B 26 -8.92 -16.81 12.40
N THR B 27 -9.57 -17.97 12.46
CA THR B 27 -10.71 -18.16 13.35
C THR B 27 -10.17 -18.25 14.77
N LEU B 28 -11.03 -18.05 15.76
CA LEU B 28 -10.57 -18.16 17.15
C LEU B 28 -10.11 -19.58 17.49
N GLU B 29 -10.75 -20.60 16.92
CA GLU B 29 -10.27 -21.97 17.15
C GLU B 29 -8.85 -22.16 16.59
N GLU B 30 -8.56 -21.54 15.45
CA GLU B 30 -7.22 -21.58 14.88
C GLU B 30 -6.23 -20.79 15.76
N CYS B 31 -6.70 -19.67 16.32
CA CYS B 31 -5.89 -18.91 17.28
C CYS B 31 -5.53 -19.75 18.49
N ALA B 32 -6.50 -20.48 19.02
CA ALA B 32 -6.26 -21.32 20.20
C ALA B 32 -5.18 -22.37 19.91
N ARG B 33 -5.17 -22.93 18.70
CA ARG B 33 -4.14 -23.91 18.37
C ARG B 33 -2.77 -23.28 18.25
N ILE B 34 -2.72 -22.06 17.73
CA ILE B 34 -1.44 -21.33 17.66
C ILE B 34 -0.99 -20.94 19.06
N GLU B 35 -1.93 -20.48 19.88
CA GLU B 35 -1.62 -20.15 21.27
C GLU B 35 -0.98 -21.31 22.02
N ALA B 36 -1.45 -22.52 21.76
CA ALA B 36 -0.86 -23.70 22.41
C ALA B 36 0.58 -23.89 21.94
N LYS B 37 0.85 -23.56 20.67
CA LYS B 37 2.23 -23.67 20.16
C LYS B 37 3.11 -22.59 20.78
N ILE B 38 2.56 -21.39 20.95
CA ILE B 38 3.30 -20.33 21.64
C ILE B 38 3.66 -20.81 23.06
N ASP B 39 2.72 -21.46 23.75
CA ASP B 39 3.02 -22.01 25.07
C ASP B 39 4.15 -23.03 25.00
N GLU B 40 4.24 -23.80 23.90
CA GLU B 40 5.33 -24.78 23.78
C GLU B 40 6.66 -24.04 23.68
N VAL B 41 6.67 -22.94 22.94
CA VAL B 41 7.90 -22.13 22.82
C VAL B 41 8.31 -21.61 24.20
N VAL B 42 7.35 -21.07 24.94
CA VAL B 42 7.64 -20.57 26.29
C VAL B 42 8.22 -21.66 27.18
N ALA B 43 7.63 -22.86 27.10
CA ALA B 43 8.08 -23.96 27.96
C ALA B 43 9.47 -24.42 27.58
N LYS B 44 9.74 -24.47 26.28
CA LYS B 44 11.04 -24.92 25.79
C LYS B 44 12.13 -23.95 26.24
N ALA B 45 11.84 -22.65 26.17
CA ALA B 45 12.77 -21.61 26.62
C ALA B 45 13.01 -21.68 28.13
N ASP B 46 11.93 -21.92 28.88
CA ASP B 46 12.02 -22.07 30.34
C ASP B 46 12.95 -23.21 30.75
N LYS B 47 12.97 -24.26 29.94
CA LYS B 47 13.85 -25.40 30.18
C LYS B 47 15.30 -25.18 29.73
N GLY B 48 15.59 -24.03 29.13
CA GLY B 48 16.94 -23.74 28.66
C GLY B 48 17.35 -24.53 27.41
N LEU B 49 16.38 -24.83 26.55
CA LEU B 49 16.65 -25.70 25.41
C LEU B 49 16.90 -24.96 24.10
N TYR B 50 16.86 -23.63 24.14
CA TYR B 50 17.17 -22.83 22.95
C TYR B 50 18.59 -22.28 22.99
N ARG B 51 19.04 -21.75 21.85
CA ARG B 51 20.25 -20.95 21.81
C ARG B 51 20.04 -19.70 22.67
N GLU B 52 21.11 -19.25 23.32
CA GLU B 52 21.03 -18.12 24.25
C GLU B 52 20.30 -16.87 23.72
N HIS B 53 20.68 -16.41 22.54
CA HIS B 53 20.14 -15.15 22.03
C HIS B 53 18.72 -15.26 21.47
N THR B 54 18.17 -16.48 21.43
CA THR B 54 16.76 -16.64 21.05
C THR B 54 15.85 -15.97 22.07
N VAL B 55 16.30 -15.92 23.32
CA VAL B 55 15.43 -15.47 24.40
C VAL B 55 15.90 -14.17 25.05
N ASP B 56 15.01 -13.19 25.08
CA ASP B 56 15.29 -11.94 25.80
C ASP B 56 14.24 -11.78 26.88
N ARG B 57 14.70 -11.71 28.12
CA ARG B 57 13.78 -11.62 29.26
C ARG B 57 13.80 -10.23 29.90
N ALA B 58 12.61 -9.71 30.19
CA ALA B 58 12.47 -8.43 30.88
C ALA B 58 11.29 -8.55 31.82
N PRO B 59 11.12 -7.57 32.74
CA PRO B 59 9.95 -7.66 33.62
C PRO B 59 8.67 -7.58 32.82
N LEU B 60 7.80 -8.56 33.02
CA LEU B 60 6.48 -8.60 32.42
C LEU B 60 6.48 -8.76 30.90
N ARG B 61 7.64 -9.05 30.30
CA ARG B 61 7.72 -9.25 28.85
C ARG B 61 8.92 -10.06 28.42
N ASN B 62 8.66 -11.15 27.70
CA ASN B 62 9.72 -11.94 27.09
C ASN B 62 9.62 -11.84 25.57
N LYS B 63 10.77 -11.91 24.89
CA LYS B 63 10.79 -11.93 23.43
C LYS B 63 11.55 -13.16 22.97
N TYR B 64 11.02 -13.81 21.94
CA TYR B 64 11.63 -15.03 21.43
C TYR B 64 11.95 -14.76 19.96
N PHE B 65 13.24 -14.70 19.65
CA PHE B 65 13.73 -14.33 18.33
C PHE B 65 14.07 -15.55 17.48
N PHE B 66 13.45 -15.65 16.30
CA PHE B 66 13.72 -16.77 15.39
C PHE B 66 14.14 -16.27 14.01
N GLY B 67 15.02 -17.02 13.35
CA GLY B 67 15.46 -16.67 12.00
C GLY B 67 16.62 -15.68 12.00
N GLU B 68 16.36 -14.49 12.55
CA GLU B 68 17.39 -13.48 12.68
C GLU B 68 17.25 -12.79 14.03
N GLY B 69 18.33 -12.17 14.49
CA GLY B 69 18.30 -11.38 15.71
C GLY B 69 19.28 -10.25 15.52
N TYR B 70 19.30 -9.27 16.43
CA TYR B 70 20.25 -8.17 16.27
C TYR B 70 20.82 -7.64 17.60
N THR B 71 21.96 -6.99 17.53
CA THR B 71 22.54 -6.32 18.68
C THR B 71 23.13 -4.98 18.22
N GLN B 83 23.42 1.68 13.64
CA GLN B 83 24.27 1.08 14.67
C GLN B 83 23.82 -0.32 15.23
N GLU B 84 22.60 -0.73 14.92
CA GLU B 84 22.16 -2.11 15.15
C GLU B 84 22.82 -3.04 14.15
N ARG B 85 23.23 -4.21 14.61
CA ARG B 85 23.84 -5.21 13.74
C ARG B 85 23.15 -6.57 13.91
N LEU B 86 22.89 -7.24 12.79
CA LEU B 86 22.38 -8.60 12.85
C LEU B 86 23.45 -9.52 13.43
N TYR B 87 23.03 -10.52 14.20
CA TYR B 87 23.95 -11.56 14.66
C TYR B 87 24.41 -12.35 13.44
N SER B 88 25.56 -13.03 13.55
CA SER B 88 25.99 -14.00 12.55
C SER B 88 24.93 -15.04 12.44
N LYS B 89 24.88 -15.74 11.33
CA LYS B 89 23.85 -16.75 11.14
C LYS B 89 23.99 -17.86 12.17
N GLY B 90 22.86 -18.37 12.66
CA GLY B 90 22.89 -19.48 13.59
C GLY B 90 23.06 -19.08 15.05
N GLU B 91 22.99 -17.78 15.32
CA GLU B 91 23.05 -17.32 16.71
C GLU B 91 21.70 -17.48 17.40
N VAL B 92 20.61 -17.30 16.65
CA VAL B 92 19.28 -17.56 17.20
C VAL B 92 18.69 -18.79 16.53
N ASP B 93 17.61 -19.31 17.09
CA ASP B 93 17.00 -20.52 16.55
C ASP B 93 16.25 -20.26 15.26
N ASP B 94 16.10 -21.30 14.45
CA ASP B 94 15.33 -21.16 13.22
C ASP B 94 13.86 -20.93 13.52
N ILE B 95 13.14 -20.35 12.56
CA ILE B 95 11.69 -20.26 12.69
C ILE B 95 11.09 -21.66 12.79
N PRO B 96 10.29 -21.91 13.84
CA PRO B 96 9.69 -23.24 14.01
C PRO B 96 8.80 -23.62 12.83
N ASP B 97 8.71 -24.92 12.53
CA ASP B 97 7.85 -25.38 11.44
C ASP B 97 6.41 -24.88 11.59
N TRP B 98 5.89 -24.87 12.82
CA TRP B 98 4.50 -24.46 13.01
C TRP B 98 4.25 -23.00 12.66
N VAL B 99 5.26 -22.15 12.83
CA VAL B 99 5.09 -20.74 12.47
C VAL B 99 4.90 -20.65 10.96
N HIS B 100 5.68 -21.41 10.21
CA HIS B 100 5.50 -21.47 8.75
C HIS B 100 4.13 -22.04 8.40
N GLU B 101 3.83 -23.20 8.97
CA GLU B 101 2.64 -23.95 8.59
CA GLU B 101 2.62 -23.95 8.59
C GLU B 101 1.34 -23.26 9.01
N LEU B 102 1.28 -22.80 10.26
CA LEU B 102 0.04 -22.24 10.80
C LEU B 102 -0.16 -20.75 10.61
N VAL B 103 0.93 -20.03 10.39
CA VAL B 103 0.83 -18.57 10.33
C VAL B 103 1.32 -18.02 8.99
N ILE B 104 2.61 -18.11 8.72
CA ILE B 104 3.18 -17.52 7.50
C ILE B 104 2.51 -18.06 6.22
N ASP B 105 2.37 -19.38 6.11
CA ASP B 105 1.75 -19.98 4.92
C ASP B 105 0.34 -19.46 4.67
N ARG B 106 -0.43 -19.21 5.74
CA ARG B 106 -1.80 -18.71 5.57
C ARG B 106 -1.72 -17.29 5.04
N LEU B 107 -0.80 -16.50 5.58
CA LEU B 107 -0.71 -15.11 5.16
C LEU B 107 -0.29 -15.00 3.70
N VAL B 108 0.58 -15.91 3.25
CA VAL B 108 1.01 -15.96 1.85
CA VAL B 108 0.98 -15.88 1.85
C VAL B 108 -0.16 -16.37 0.95
N THR B 109 -0.88 -17.42 1.36
CA THR B 109 -2.04 -17.91 0.60
C THR B 109 -3.08 -16.80 0.42
N HIS B 110 -3.24 -15.96 1.43
CA HIS B 110 -4.21 -14.85 1.36
C HIS B 110 -3.64 -13.56 0.79
N GLY B 111 -2.42 -13.63 0.25
CA GLY B 111 -1.85 -12.49 -0.46
C GLY B 111 -1.42 -11.33 0.43
N VAL B 112 -1.28 -11.58 1.73
CA VAL B 112 -0.87 -10.53 2.65
C VAL B 112 0.62 -10.18 2.48
N ILE B 113 1.44 -11.21 2.23
CA ILE B 113 2.86 -11.02 1.97
C ILE B 113 3.26 -12.02 0.90
N PRO B 114 4.36 -11.73 0.16
CA PRO B 114 4.83 -12.68 -0.85
C PRO B 114 5.45 -13.91 -0.20
N GLU B 115 5.40 -15.03 -0.92
CA GLU B 115 6.09 -16.23 -0.52
C GLU B 115 7.58 -15.92 -0.38
N GLY B 116 8.21 -16.46 0.67
CA GLY B 116 9.65 -16.31 0.82
C GLY B 116 10.07 -14.99 1.45
N PHE B 117 9.09 -14.11 1.69
CA PHE B 117 9.36 -12.79 2.26
C PHE B 117 9.90 -12.89 3.70
N VAL B 118 9.14 -13.57 4.55
CA VAL B 118 9.50 -13.61 5.97
C VAL B 118 10.73 -14.47 6.22
N ASN B 119 11.76 -13.88 6.82
CA ASN B 119 12.91 -14.65 7.27
C ASN B 119 13.18 -14.42 8.76
N SER B 120 12.32 -13.61 9.39
CA SER B 120 12.47 -13.27 10.81
C SER B 120 11.13 -13.36 11.50
N ALA B 121 11.05 -14.05 12.63
CA ALA B 121 9.82 -14.03 13.43
C ALA B 121 10.19 -13.78 14.88
N VAL B 122 9.49 -12.85 15.52
CA VAL B 122 9.73 -12.60 16.93
C VAL B 122 8.41 -12.79 17.65
N ILE B 123 8.42 -13.57 18.72
CA ILE B 123 7.22 -13.64 19.55
C ILE B 123 7.42 -12.78 20.78
N ASN B 124 6.54 -11.80 20.98
CA ASN B 124 6.53 -11.03 22.21
C ASN B 124 5.44 -11.56 23.10
N ASP B 125 5.77 -11.84 24.35
CA ASP B 125 4.81 -12.42 25.27
C ASP B 125 4.73 -11.52 26.48
N TYR B 126 3.57 -10.87 26.66
CA TYR B 126 3.38 -9.91 27.73
C TYR B 126 2.56 -10.48 28.88
N GLN B 127 3.05 -10.31 30.11
CA GLN B 127 2.23 -10.55 31.28
C GLN B 127 1.39 -9.30 31.52
N PRO B 128 0.31 -9.43 32.32
CA PRO B 128 -0.49 -8.24 32.61
C PRO B 128 0.38 -7.12 33.18
N GLY B 129 0.20 -5.90 32.67
CA GLY B 129 1.03 -4.78 33.05
C GLY B 129 2.28 -4.59 32.19
N GLY B 130 2.58 -5.59 31.37
CA GLY B 130 3.71 -5.50 30.46
C GLY B 130 3.46 -4.45 29.40
N CYS B 131 4.51 -4.04 28.68
CA CYS B 131 4.36 -3.04 27.62
C CYS B 131 5.58 -3.03 26.75
N ILE B 132 5.57 -2.19 25.72
CA ILE B 132 6.79 -1.91 24.98
C ILE B 132 6.86 -0.41 24.68
N VAL B 133 7.96 0.21 25.11
CA VAL B 133 8.12 1.66 25.00
C VAL B 133 8.26 2.06 23.53
N SER B 134 7.65 3.21 23.19
CA SER B 134 7.67 3.78 21.84
C SER B 134 8.99 3.57 21.11
N HIS B 135 8.89 3.09 19.87
CA HIS B 135 10.06 2.87 19.05
C HIS B 135 9.65 2.78 17.60
N VAL B 136 10.64 2.84 16.72
CA VAL B 136 10.49 2.54 15.31
C VAL B 136 11.33 1.29 15.03
N ASP B 137 10.74 0.29 14.37
CA ASP B 137 11.52 -0.92 14.04
C ASP B 137 12.70 -0.52 13.16
N PRO B 138 13.94 -0.91 13.55
CA PRO B 138 15.16 -0.46 12.87
C PRO B 138 15.06 -0.48 11.34
N ILE B 139 15.13 0.71 10.72
CA ILE B 139 14.94 0.85 9.27
C ILE B 139 16.11 0.28 8.45
N HIS B 140 17.29 0.23 9.07
CA HIS B 140 18.48 -0.32 8.41
C HIS B 140 18.57 -1.83 8.56
N ILE B 141 17.70 -2.41 9.38
CA ILE B 141 17.66 -3.85 9.56
C ILE B 141 16.49 -4.47 8.79
N PHE B 142 15.30 -3.92 8.98
CA PHE B 142 14.09 -4.54 8.46
C PHE B 142 13.48 -3.89 7.22
N GLU B 143 13.15 -4.70 6.23
CA GLU B 143 12.33 -4.26 5.12
C GLU B 143 10.94 -3.95 5.64
N ARG B 144 10.17 -3.23 4.84
CA ARG B 144 8.75 -3.05 5.11
C ARG B 144 8.02 -3.85 4.05
N PRO B 145 6.75 -4.23 4.31
CA PRO B 145 5.93 -3.91 5.48
C PRO B 145 6.30 -4.77 6.69
N ILE B 146 5.83 -4.35 7.86
CA ILE B 146 5.99 -5.13 9.09
C ILE B 146 4.63 -5.75 9.42
N VAL B 147 4.60 -7.08 9.59
CA VAL B 147 3.33 -7.79 9.81
C VAL B 147 3.32 -8.36 11.22
N SER B 148 2.20 -8.24 11.92
CA SER B 148 2.08 -8.86 13.24
C SER B 148 0.74 -9.56 13.37
N VAL B 149 0.70 -10.65 14.13
CA VAL B 149 -0.57 -11.32 14.41
C VAL B 149 -0.67 -11.46 15.93
N SER B 150 -1.80 -11.05 16.48
CA SER B 150 -1.97 -10.94 17.94
C SER B 150 -2.76 -12.13 18.48
N PHE B 151 -2.41 -12.55 19.69
CA PHE B 151 -2.99 -13.75 20.29
C PHE B 151 -3.32 -13.59 21.77
N PHE B 152 -4.13 -14.52 22.27
CA PHE B 152 -4.56 -14.61 23.69
C PHE B 152 -5.61 -13.61 24.14
N SER B 153 -5.42 -12.32 23.84
CA SER B 153 -6.37 -11.32 24.29
C SER B 153 -6.38 -10.09 23.40
N ASP B 154 -7.39 -9.24 23.59
CA ASP B 154 -7.53 -8.00 22.81
C ASP B 154 -6.66 -6.91 23.43
N SER B 155 -6.14 -6.02 22.59
CA SER B 155 -5.32 -4.93 23.08
C SER B 155 -5.38 -3.78 22.08
N ALA B 156 -4.35 -2.93 22.11
CA ALA B 156 -4.28 -1.80 21.19
C ALA B 156 -2.84 -1.43 20.91
N LEU B 157 -2.60 -0.99 19.68
CA LEU B 157 -1.27 -0.56 19.26
C LEU B 157 -1.37 0.95 19.13
N CYS B 158 -0.49 1.69 19.81
CA CYS B 158 -0.59 3.14 19.76
C CYS B 158 0.61 3.76 19.05
N PHE B 159 0.38 4.91 18.44
CA PHE B 159 1.40 5.57 17.63
C PHE B 159 1.69 6.98 18.14
N GLY B 160 2.96 7.34 18.22
CA GLY B 160 3.35 8.71 18.57
C GLY B 160 3.21 9.07 20.03
N CYS B 161 3.29 8.06 20.89
CA CYS B 161 3.20 8.29 22.33
C CYS B 161 4.54 8.63 22.94
N LYS B 162 4.51 9.42 23.98
CA LYS B 162 5.68 9.68 24.77
C LYS B 162 5.59 9.05 26.12
N PHE B 163 6.68 8.46 26.59
CA PHE B 163 6.70 7.77 27.87
C PHE B 163 7.53 8.55 28.90
N LEU B 164 7.06 8.62 30.10
CA LEU B 164 7.86 9.00 31.24
C LEU B 164 7.70 7.86 32.26
N PHE B 165 8.64 7.74 33.21
CA PHE B 165 8.82 6.49 33.95
C PHE B 165 8.60 6.47 35.47
N LYS B 166 8.30 7.58 36.07
CA LYS B 166 7.77 7.54 37.42
C LYS B 166 6.30 8.00 37.49
N PRO B 167 5.39 7.04 37.62
CA PRO B 167 5.69 5.67 37.19
C PRO B 167 5.23 5.72 35.73
N ILE B 168 5.17 4.59 35.03
CA ILE B 168 4.88 4.68 33.60
C ILE B 168 3.65 5.55 33.39
N ARG B 169 3.84 6.67 32.71
CA ARG B 169 2.74 7.54 32.29
C ARG B 169 2.96 7.91 30.82
N VAL B 170 1.90 7.80 30.03
CA VAL B 170 2.00 7.84 28.58
C VAL B 170 1.15 8.95 27.99
N SER B 171 1.69 9.67 27.00
CA SER B 171 0.98 10.78 26.38
C SER B 171 -0.15 10.28 25.48
N GLU B 172 -1.04 11.19 25.09
CA GLU B 172 -2.16 10.82 24.23
C GLU B 172 -1.70 10.40 22.85
N PRO B 173 -2.18 9.23 22.38
CA PRO B 173 -1.80 8.69 21.07
C PRO B 173 -2.17 9.59 19.89
N VAL B 174 -1.31 9.69 18.89
CA VAL B 174 -1.67 10.31 17.62
C VAL B 174 -2.73 9.44 16.95
N LEU B 175 -2.54 8.14 17.08
CA LEU B 175 -3.50 7.16 16.60
CA LEU B 175 -3.51 7.17 16.59
C LEU B 175 -3.58 5.97 17.54
N HIS B 176 -4.80 5.61 17.94
CA HIS B 176 -5.05 4.44 18.79
C HIS B 176 -5.66 3.36 17.90
N LEU B 177 -4.98 2.22 17.76
CA LEU B 177 -5.45 1.16 16.86
C LEU B 177 -5.82 -0.10 17.63
N PRO B 178 -7.13 -0.39 17.71
CA PRO B 178 -7.51 -1.62 18.43
C PRO B 178 -6.95 -2.83 17.71
N VAL B 179 -6.39 -3.75 18.49
CA VAL B 179 -5.88 -5.01 17.94
CA VAL B 179 -5.87 -4.99 17.94
C VAL B 179 -6.47 -6.17 18.71
N ARG B 180 -7.51 -6.78 18.15
CA ARG B 180 -8.19 -7.88 18.82
C ARG B 180 -7.40 -9.16 18.68
N ARG B 181 -7.71 -10.13 19.54
CA ARG B 181 -7.14 -11.47 19.42
C ARG B 181 -7.38 -11.97 18.01
N GLY B 182 -6.33 -12.45 17.35
CA GLY B 182 -6.43 -12.94 15.99
C GLY B 182 -6.19 -11.91 14.89
N SER B 183 -6.03 -10.64 15.26
CA SER B 183 -5.85 -9.58 14.28
CA SER B 183 -5.88 -9.63 14.23
CA SER B 183 -5.84 -9.57 14.29
C SER B 183 -4.49 -9.63 13.59
N VAL B 184 -4.51 -9.42 12.28
CA VAL B 184 -3.31 -9.29 11.47
C VAL B 184 -3.19 -7.80 11.20
N THR B 185 -2.03 -7.24 11.56
CA THR B 185 -1.78 -5.82 11.37
C THR B 185 -0.58 -5.68 10.45
N VAL B 186 -0.73 -4.90 9.38
CA VAL B 186 0.37 -4.68 8.44
C VAL B 186 0.75 -3.20 8.46
N LEU B 187 2.01 -2.91 8.82
CA LEU B 187 2.47 -1.52 8.93
C LEU B 187 3.40 -1.16 7.79
N SER B 188 3.11 -0.05 7.11
CA SER B 188 3.96 0.39 6.01
C SER B 188 4.06 1.91 6.00
N GLY B 189 4.97 2.43 5.18
CA GLY B 189 5.07 3.86 4.94
C GLY B 189 5.24 4.72 6.19
N TYR B 190 4.44 5.76 6.29
CA TYR B 190 4.55 6.70 7.40
C TYR B 190 4.37 5.98 8.74
N ALA B 191 3.38 5.09 8.79
CA ALA B 191 3.08 4.36 10.03
C ALA B 191 4.25 3.48 10.48
N ALA B 192 5.08 3.06 9.53
CA ALA B 192 6.20 2.16 9.83
C ALA B 192 7.54 2.87 10.01
N ASP B 193 7.66 4.09 9.47
CA ASP B 193 8.97 4.75 9.38
C ASP B 193 9.11 6.07 10.14
N ASP B 194 8.04 6.85 10.18
CA ASP B 194 8.17 8.25 10.57
C ASP B 194 7.48 8.61 11.88
N ILE B 195 6.99 7.60 12.59
CA ILE B 195 6.35 7.77 13.88
C ILE B 195 6.59 6.49 14.69
N THR B 196 6.68 6.62 16.00
CA THR B 196 6.89 5.46 16.86
C THR B 196 5.57 4.70 17.04
N HIS B 197 5.68 3.40 17.35
CA HIS B 197 4.54 2.66 17.89
C HIS B 197 4.88 2.08 19.25
N CYS B 198 3.85 1.76 20.03
CA CYS B 198 4.04 1.23 21.38
C CYS B 198 2.85 0.41 21.82
N ILE B 199 3.04 -0.32 22.92
CA ILE B 199 1.94 -0.96 23.62
C ILE B 199 1.95 -0.35 25.01
N ARG B 200 0.82 0.22 25.44
CA ARG B 200 0.73 0.83 26.76
C ARG B 200 0.38 -0.22 27.82
N PRO B 201 0.93 -0.08 29.04
CA PRO B 201 0.63 -1.05 30.10
C PRO B 201 -0.88 -1.12 30.38
N GLN B 202 -1.59 0.00 30.25
CA GLN B 202 -3.03 0.02 30.49
C GLN B 202 -3.77 -0.87 29.48
N ASP B 203 -3.14 -1.19 28.36
CA ASP B 203 -3.78 -1.99 27.32
C ASP B 203 -3.39 -3.46 27.39
N ILE B 204 -2.70 -3.83 28.46
CA ILE B 204 -2.37 -5.23 28.69
C ILE B 204 -2.94 -5.64 30.05
N LYS B 205 -4.23 -5.94 30.07
CA LYS B 205 -4.90 -6.29 31.33
C LYS B 205 -4.85 -7.78 31.59
N GLU B 206 -4.52 -8.54 30.56
CA GLU B 206 -4.26 -9.97 30.73
C GLU B 206 -3.18 -10.37 29.75
N ARG B 207 -2.73 -11.62 29.85
CA ARG B 207 -1.65 -12.05 28.99
C ARG B 207 -1.98 -11.83 27.51
N ARG B 208 -1.01 -11.31 26.77
CA ARG B 208 -1.13 -11.14 25.34
C ARG B 208 0.18 -11.54 24.69
N ALA B 209 0.10 -12.17 23.53
CA ALA B 209 1.31 -12.46 22.76
C ALA B 209 1.12 -11.96 21.34
N VAL B 210 2.22 -11.65 20.68
CA VAL B 210 2.19 -11.19 19.28
CA VAL B 210 2.16 -11.23 19.28
C VAL B 210 3.29 -11.89 18.51
N ILE B 211 2.99 -12.31 17.28
CA ILE B 211 4.03 -12.83 16.41
C ILE B 211 4.32 -11.76 15.36
N ILE B 212 5.56 -11.26 15.36
CA ILE B 212 5.96 -10.23 14.42
C ILE B 212 6.77 -10.90 13.32
N LEU B 213 6.32 -10.71 12.08
CA LEU B 213 6.93 -11.36 10.93
C LEU B 213 7.55 -10.29 10.04
N ARG B 214 8.85 -10.41 9.79
CA ARG B 214 9.55 -9.37 9.03
C ARG B 214 10.57 -9.97 8.09
N LYS B 215 11.00 -9.16 7.13
CA LYS B 215 12.10 -9.54 6.25
C LYS B 215 13.30 -8.63 6.54
N THR B 216 14.46 -9.22 6.74
CA THR B 216 15.67 -8.42 6.93
C THR B 216 16.19 -7.97 5.58
N ARG B 217 16.74 -6.76 5.52
CA ARG B 217 17.25 -6.22 4.27
C ARG B 217 18.49 -7.02 3.85
N ALA B 218 18.59 -7.34 2.56
CA ALA B 218 19.74 -8.08 2.04
C ALA B 218 21.06 -7.35 2.31
N ASP B 219 20.97 -6.04 2.53
CA ASP B 219 22.15 -5.24 2.84
C ASP B 219 22.30 -4.92 4.32
N ALA B 220 21.49 -5.55 5.17
CA ALA B 220 21.61 -5.32 6.60
C ALA B 220 22.99 -5.76 7.08
N PRO B 221 23.63 -4.93 7.91
CA PRO B 221 24.95 -5.30 8.44
C PRO B 221 24.85 -6.42 9.48
N ARG B 222 25.85 -7.30 9.48
CA ARG B 222 25.97 -8.34 10.49
C ARG B 222 27.24 -8.12 11.29
N LEU B 223 27.22 -8.56 12.55
CA LEU B 223 28.45 -8.72 13.32
C LEU B 223 29.30 -9.76 12.60
MN MN C . -4.33 10.82 -12.21
C1 SIN D . -3.93 11.13 -15.24
O1 SIN D . -3.39 10.84 -14.15
O2 SIN D . -5.03 11.70 -15.38
C2 SIN D . -3.18 10.71 -16.52
C3 SIN D . -2.28 9.49 -16.24
C4 SIN D . -1.54 9.06 -17.52
O3 SIN D . -0.95 7.96 -17.50
O4 SIN D . -1.59 9.84 -18.50
MN MN E . 7.88 -2.78 16.81
C1 SIN F . 6.65 -4.78 19.03
O1 SIN F . 6.51 -3.74 18.32
O2 SIN F . 7.73 -5.34 19.30
C2 SIN F . 5.37 -5.41 19.63
C3 SIN F . 4.11 -4.91 18.91
C4 SIN F . 2.87 -5.57 19.56
O3 SIN F . 2.99 -6.00 20.73
O4 SIN F . 1.82 -5.59 18.89
#